data_8SWJ
#
_entry.id   8SWJ
#
_cell.length_a   56.159
_cell.length_b   55.902
_cell.length_c   78.522
_cell.angle_alpha   90.00
_cell.angle_beta   105.37
_cell.angle_gamma   90.00
#
_symmetry.space_group_name_H-M   'P 1 21 1'
#
loop_
_entity.id
_entity.type
_entity.pdbx_description
1 polymer 'TP53-binding protein 1'
2 non-polymer "(3S)-N-(4'-carbamoyl[1,1'-biphenyl]-3-yl)-1-[4-(4-methylpiperazin-1-yl)pyridine-2-carbonyl]piperidine-3-carboxamide"
3 non-polymer 'UNKNOWN ATOM OR ION'
4 water water
#
_entity_poly.entity_id   1
_entity_poly.type   'polypeptide(L)'
_entity_poly.pdbx_seq_one_letter_code
;GGNSFVGLRVVAKWSSNGYFYSGKITRDVGAGKYKLLFDDGYECDVLGKDILLCDPIPLDTEVTALSEDEYFSAGVVKGH
RKESGELYYSIEKEGQRKWYKRMAVILSLEQGNRLREQYGLGPYE
;
_entity_poly.pdbx_strand_id   A,B,C,D
#
loop_
_chem_comp.id
_chem_comp.type
_chem_comp.name
_chem_comp.formula
UNX non-polymer 'UNKNOWN ATOM OR ION' ?
WWQ non-polymer (3S)-N-(4'-carbamoyl[1,1'-biphenyl]-3-yl)-1-[4-(4-methylpiperazin-1-yl)pyridine-2-carbonyl]piperidine-3-carboxamide 'C30 H34 N6 O3'
#
# COMPACT_ATOMS: atom_id res chain seq x y z
N GLY A 1 7.55 -21.67 -27.15
CA GLY A 1 7.92 -21.34 -28.53
C GLY A 1 7.44 -19.94 -28.89
N GLY A 2 7.71 -19.50 -30.12
CA GLY A 2 7.47 -18.12 -30.57
C GLY A 2 6.01 -17.71 -30.49
N ASN A 3 5.08 -18.65 -30.65
CA ASN A 3 3.63 -18.38 -30.67
C ASN A 3 3.01 -18.66 -29.29
N SER A 4 3.78 -19.14 -28.32
CA SER A 4 3.25 -19.64 -27.01
C SER A 4 2.51 -18.54 -26.25
N PHE A 5 3.00 -17.30 -26.30
CA PHE A 5 2.41 -16.20 -25.49
C PHE A 5 1.51 -15.30 -26.33
N VAL A 6 1.39 -15.53 -27.64
CA VAL A 6 0.50 -14.70 -28.51
C VAL A 6 -0.97 -14.86 -28.06
N GLY A 7 -1.59 -13.74 -27.70
CA GLY A 7 -2.98 -13.66 -27.24
C GLY A 7 -3.12 -13.79 -25.72
N LEU A 8 -2.04 -14.04 -24.99
CA LEU A 8 -2.11 -14.15 -23.52
C LEU A 8 -2.19 -12.75 -22.90
N ARG A 9 -3.01 -12.61 -21.87
CA ARG A 9 -3.14 -11.34 -21.12
C ARG A 9 -1.99 -11.18 -20.15
N VAL A 10 -1.52 -9.96 -20.08
CA VAL A 10 -0.38 -9.54 -19.23
C VAL A 10 -0.69 -8.20 -18.57
N VAL A 11 0.16 -7.83 -17.63
CA VAL A 11 0.18 -6.46 -17.04
C VAL A 11 1.62 -5.97 -17.18
N ALA A 12 1.85 -4.91 -17.96
CA ALA A 12 3.23 -4.59 -18.42
C ALA A 12 3.53 -3.12 -18.24
N LYS A 13 4.80 -2.85 -17.95
CA LYS A 13 5.27 -1.49 -17.63
C LYS A 13 5.30 -0.65 -18.90
N TRP A 14 4.70 0.53 -18.77
CA TRP A 14 4.84 1.71 -19.62
C TRP A 14 6.02 2.55 -19.12
N SER A 15 7.05 2.67 -19.92
CA SER A 15 8.37 3.22 -19.48
C SER A 15 8.19 4.61 -18.88
N SER A 16 7.22 5.40 -19.37
CA SER A 16 7.13 6.87 -19.15
C SER A 16 6.78 7.21 -17.70
N ASN A 17 6.08 6.34 -16.97
CA ASN A 17 5.48 6.69 -15.66
C ASN A 17 5.71 5.58 -14.60
N GLY A 18 6.24 4.42 -15.01
CA GLY A 18 6.57 3.32 -14.10
C GLY A 18 5.38 2.42 -13.84
N TYR A 19 4.17 2.78 -14.29
CA TYR A 19 2.96 1.97 -14.00
C TYR A 19 2.91 0.76 -14.93
N PHE A 20 2.29 -0.31 -14.45
CA PHE A 20 2.04 -1.55 -15.24
C PHE A 20 0.56 -1.56 -15.62
N TYR A 21 0.28 -1.77 -16.90
CA TYR A 21 -1.06 -1.69 -17.52
C TYR A 21 -1.44 -3.03 -18.13
N SER A 22 -2.74 -3.31 -18.14
CA SER A 22 -3.34 -4.52 -18.73
C SER A 22 -3.25 -4.45 -20.26
N GLY A 23 -3.00 -5.59 -20.87
CA GLY A 23 -2.87 -5.76 -22.33
C GLY A 23 -2.65 -7.22 -22.68
N LYS A 24 -2.26 -7.48 -23.91
CA LYS A 24 -1.99 -8.84 -24.43
C LYS A 24 -0.68 -8.81 -25.20
N ILE A 25 0.07 -9.91 -25.18
CA ILE A 25 1.22 -10.13 -26.09
C ILE A 25 0.65 -10.42 -27.48
N THR A 26 1.24 -9.81 -28.52
CA THR A 26 0.84 -10.04 -29.93
C THR A 26 1.96 -10.69 -30.74
N ARG A 27 3.21 -10.58 -30.29
CA ARG A 27 4.36 -11.18 -31.03
C ARG A 27 5.57 -11.30 -30.10
N ASP A 28 6.33 -12.37 -30.28
CA ASP A 28 7.70 -12.49 -29.73
C ASP A 28 8.63 -11.87 -30.77
N VAL A 29 9.27 -10.73 -30.45
CA VAL A 29 10.05 -9.93 -31.45
C VAL A 29 11.55 -10.09 -31.22
N GLY A 30 11.95 -10.89 -30.23
CA GLY A 30 13.36 -11.20 -29.93
C GLY A 30 14.04 -10.10 -29.12
N ALA A 31 15.35 -10.26 -28.90
CA ALA A 31 16.16 -9.40 -28.02
C ALA A 31 15.45 -9.20 -26.66
N GLY A 32 14.85 -10.26 -26.12
CA GLY A 32 14.21 -10.28 -24.79
C GLY A 32 12.93 -9.45 -24.73
N LYS A 33 12.36 -9.10 -25.89
CA LYS A 33 11.19 -8.17 -25.99
C LYS A 33 9.99 -8.90 -26.61
N TYR A 34 8.78 -8.45 -26.27
CA TYR A 34 7.51 -8.87 -26.87
C TYR A 34 6.75 -7.65 -27.35
N LYS A 35 6.06 -7.78 -28.47
CA LYS A 35 5.10 -6.76 -28.94
C LYS A 35 3.82 -6.95 -28.12
N LEU A 36 3.36 -5.84 -27.52
N LEU A 36 3.26 -5.84 -27.63
CA LEU A 36 2.16 -5.75 -26.67
CA LEU A 36 2.15 -5.84 -26.66
C LEU A 36 1.12 -4.88 -27.36
C LEU A 36 1.10 -4.82 -27.07
N LEU A 37 -0.14 -5.26 -27.26
CA LEU A 37 -1.26 -4.35 -27.49
C LEU A 37 -1.90 -4.07 -26.14
N PHE A 38 -1.74 -2.86 -25.65
CA PHE A 38 -2.36 -2.43 -24.38
C PHE A 38 -3.85 -2.27 -24.60
N ASP A 39 -4.62 -2.37 -23.52
CA ASP A 39 -6.08 -2.22 -23.56
C ASP A 39 -6.48 -0.81 -24.06
N ASP A 40 -5.60 0.17 -23.95
CA ASP A 40 -5.88 1.55 -24.48
C ASP A 40 -5.52 1.67 -25.97
N GLY A 41 -5.13 0.59 -26.64
CA GLY A 41 -4.90 0.58 -28.11
C GLY A 41 -3.47 0.97 -28.50
N TYR A 42 -2.56 1.27 -27.56
CA TYR A 42 -1.12 1.50 -27.88
C TYR A 42 -0.47 0.15 -28.14
N GLU A 43 0.31 0.03 -29.21
CA GLU A 43 1.07 -1.20 -29.48
C GLU A 43 2.53 -0.83 -29.43
N CYS A 44 3.32 -1.51 -28.62
CA CYS A 44 4.79 -1.33 -28.65
C CYS A 44 5.53 -2.52 -28.07
N ASP A 45 6.85 -2.49 -28.24
CA ASP A 45 7.74 -3.59 -27.81
C ASP A 45 8.21 -3.31 -26.38
N VAL A 46 8.08 -4.32 -25.52
CA VAL A 46 8.36 -4.22 -24.06
C VAL A 46 9.30 -5.35 -23.67
N LEU A 47 10.31 -5.05 -22.86
CA LEU A 47 11.24 -6.05 -22.30
C LEU A 47 10.46 -7.08 -21.49
N GLY A 48 10.84 -8.36 -21.56
CA GLY A 48 10.18 -9.43 -20.78
C GLY A 48 10.22 -9.15 -19.29
N LYS A 49 11.31 -8.57 -18.77
CA LYS A 49 11.45 -8.29 -17.33
C LYS A 49 10.35 -7.31 -16.88
N ASP A 50 9.76 -6.56 -17.82
CA ASP A 50 8.76 -5.49 -17.54
C ASP A 50 7.34 -6.01 -17.82
N ILE A 51 7.20 -7.31 -18.11
CA ILE A 51 5.90 -7.96 -18.40
C ILE A 51 5.57 -8.96 -17.32
N LEU A 52 4.40 -8.80 -16.67
CA LEU A 52 3.88 -9.80 -15.70
C LEU A 52 2.89 -10.66 -16.45
N LEU A 53 3.19 -11.93 -16.65
N LEU A 53 3.20 -11.94 -16.63
CA LEU A 53 2.24 -12.88 -17.29
CA LEU A 53 2.26 -12.89 -17.27
C LEU A 53 1.29 -13.33 -16.19
C LEU A 53 1.28 -13.33 -16.19
N CYS A 54 0.26 -12.50 -15.95
CA CYS A 54 -0.53 -12.49 -14.74
C CYS A 54 -1.95 -12.09 -15.13
N ASP A 55 -2.87 -13.02 -15.12
CA ASP A 55 -4.28 -12.67 -15.46
C ASP A 55 -5.20 -13.74 -14.93
N PRO A 56 -6.29 -13.38 -14.21
CA PRO A 56 -6.49 -12.03 -13.68
C PRO A 56 -5.41 -11.69 -12.65
N ILE A 57 -5.26 -10.43 -12.29
CA ILE A 57 -4.45 -10.02 -11.11
C ILE A 57 -5.02 -10.78 -9.92
N PRO A 58 -4.22 -11.55 -9.17
CA PRO A 58 -4.80 -12.46 -8.19
C PRO A 58 -5.31 -11.80 -6.91
N LEU A 59 -6.16 -12.55 -6.20
CA LEU A 59 -6.61 -12.19 -4.84
C LEU A 59 -5.41 -11.76 -3.98
N ASP A 60 -5.63 -10.72 -3.19
CA ASP A 60 -4.71 -10.23 -2.13
C ASP A 60 -3.58 -9.39 -2.74
N THR A 61 -3.62 -9.11 -4.04
CA THR A 61 -2.63 -8.19 -4.67
C THR A 61 -3.00 -6.75 -4.34
N GLU A 62 -2.05 -5.96 -3.88
CA GLU A 62 -2.21 -4.48 -3.75
C GLU A 62 -2.12 -3.88 -5.16
N VAL A 63 -3.13 -3.10 -5.53
CA VAL A 63 -3.23 -2.41 -6.85
C VAL A 63 -3.57 -0.93 -6.67
N THR A 64 -3.56 -0.19 -7.77
CA THR A 64 -4.04 1.20 -7.82
C THR A 64 -5.35 1.19 -8.57
N ALA A 65 -6.41 1.61 -7.87
CA ALA A 65 -7.78 1.59 -8.40
C ALA A 65 -8.16 3.01 -8.77
N LEU A 66 -8.63 3.20 -9.98
CA LEU A 66 -8.90 4.53 -10.59
C LEU A 66 -10.40 4.81 -10.54
N SER A 67 -10.77 6.01 -10.10
CA SER A 67 -12.19 6.44 -10.12
C SER A 67 -12.36 7.56 -11.14
N GLU A 68 -13.58 8.08 -11.27
CA GLU A 68 -13.92 9.30 -12.03
C GLU A 68 -13.16 10.49 -11.44
N ASP A 69 -12.66 11.35 -12.31
CA ASP A 69 -11.98 12.64 -11.97
C ASP A 69 -10.49 12.34 -11.78
N GLU A 70 -9.90 12.85 -10.69
CA GLU A 70 -8.45 12.75 -10.39
C GLU A 70 -8.26 11.80 -9.20
N TYR A 71 -9.29 11.03 -8.87
CA TYR A 71 -9.36 10.12 -7.70
C TYR A 71 -8.76 8.76 -8.09
N PHE A 72 -7.69 8.38 -7.40
CA PHE A 72 -7.09 7.02 -7.43
C PHE A 72 -6.54 6.73 -6.05
N SER A 73 -6.46 5.47 -5.68
CA SER A 73 -5.96 5.03 -4.36
C SER A 73 -5.52 3.57 -4.42
N ALA A 74 -4.64 3.17 -3.50
CA ALA A 74 -4.25 1.75 -3.31
C ALA A 74 -5.44 0.99 -2.73
N GLY A 75 -5.57 -0.25 -3.14
CA GLY A 75 -6.51 -1.21 -2.53
C GLY A 75 -6.08 -2.62 -2.79
N VAL A 76 -6.82 -3.59 -2.25
CA VAL A 76 -6.45 -5.03 -2.32
C VAL A 76 -7.50 -5.78 -3.15
N VAL A 77 -7.06 -6.61 -4.08
CA VAL A 77 -7.99 -7.43 -4.89
C VAL A 77 -8.66 -8.43 -3.95
N LYS A 78 -9.98 -8.44 -3.89
CA LYS A 78 -10.72 -9.41 -3.04
C LYS A 78 -11.74 -10.20 -3.85
N GLY A 79 -11.86 -9.98 -5.15
CA GLY A 79 -12.84 -10.69 -5.96
C GLY A 79 -12.74 -10.36 -7.43
N HIS A 80 -13.30 -11.25 -8.24
CA HIS A 80 -13.37 -11.13 -9.72
C HIS A 80 -14.77 -11.45 -10.21
N ARG A 81 -15.24 -10.74 -11.24
CA ARG A 81 -16.48 -11.15 -11.94
C ARG A 81 -16.39 -10.76 -13.42
N LYS A 82 -17.10 -11.49 -14.27
CA LYS A 82 -17.24 -11.18 -15.72
C LYS A 82 -18.67 -10.68 -15.98
N GLU A 83 -18.79 -9.67 -16.84
CA GLU A 83 -20.09 -9.14 -17.36
C GLU A 83 -19.91 -8.96 -18.87
N SER A 84 -20.41 -9.92 -19.66
CA SER A 84 -20.19 -10.03 -21.13
C SER A 84 -18.69 -10.10 -21.43
N GLY A 85 -17.97 -11.02 -20.77
CA GLY A 85 -16.55 -11.31 -21.05
C GLY A 85 -15.59 -10.21 -20.58
N GLU A 86 -16.08 -9.01 -20.23
CA GLU A 86 -15.28 -7.92 -19.61
C GLU A 86 -15.11 -8.20 -18.10
N LEU A 87 -13.90 -8.04 -17.58
CA LEU A 87 -13.54 -8.42 -16.19
C LEU A 87 -13.68 -7.21 -15.27
N TYR A 88 -14.25 -7.44 -14.09
CA TYR A 88 -14.30 -6.46 -12.98
C TYR A 88 -13.55 -7.05 -11.80
N TYR A 89 -12.82 -6.20 -11.07
CA TYR A 89 -12.12 -6.52 -9.81
C TYR A 89 -12.87 -5.92 -8.64
N SER A 90 -13.03 -6.70 -7.58
CA SER A 90 -13.57 -6.19 -6.32
C SER A 90 -12.39 -5.71 -5.52
N ILE A 91 -12.32 -4.41 -5.26
CA ILE A 91 -11.15 -3.80 -4.58
C ILE A 91 -11.58 -3.38 -3.18
N GLU A 92 -10.82 -3.80 -2.16
CA GLU A 92 -11.06 -3.42 -0.74
C GLU A 92 -10.21 -2.19 -0.38
N LYS A 93 -10.84 -1.16 0.17
CA LYS A 93 -10.17 0.06 0.69
C LYS A 93 -10.88 0.46 1.96
N GLU A 94 -10.14 0.57 3.07
CA GLU A 94 -10.69 0.95 4.40
C GLU A 94 -11.94 0.13 4.70
N GLY A 95 -11.84 -1.20 4.55
CA GLY A 95 -12.87 -2.18 4.92
C GLY A 95 -14.10 -2.15 4.02
N GLN A 96 -14.07 -1.39 2.91
CA GLN A 96 -15.21 -1.17 1.97
C GLN A 96 -14.81 -1.62 0.55
N ARG A 97 -15.60 -2.51 -0.06
CA ARG A 97 -15.32 -3.08 -1.41
C ARG A 97 -16.14 -2.38 -2.48
N LYS A 98 -15.54 -2.15 -3.66
CA LYS A 98 -16.22 -1.61 -4.85
C LYS A 98 -15.72 -2.38 -6.06
N TRP A 99 -16.55 -2.54 -7.07
CA TRP A 99 -16.18 -3.16 -8.36
C TRP A 99 -15.56 -2.12 -9.28
N TYR A 100 -14.45 -2.50 -9.91
CA TYR A 100 -13.69 -1.66 -10.87
C TYR A 100 -13.54 -2.43 -12.18
N LYS A 101 -13.77 -1.79 -13.32
CA LYS A 101 -13.46 -2.42 -14.63
C LYS A 101 -11.95 -2.67 -14.73
N ARG A 102 -11.59 -3.59 -15.60
CA ARG A 102 -10.18 -4.00 -15.85
C ARG A 102 -9.30 -2.76 -16.05
N MET A 103 -9.69 -1.81 -16.90
CA MET A 103 -8.78 -0.68 -17.21
C MET A 103 -8.75 0.34 -16.07
N ALA A 104 -9.53 0.15 -15.00
CA ALA A 104 -9.52 1.00 -13.80
C ALA A 104 -8.62 0.38 -12.74
N VAL A 105 -7.86 -0.65 -13.11
CA VAL A 105 -6.88 -1.29 -12.19
C VAL A 105 -5.52 -1.30 -12.88
N ILE A 106 -4.56 -0.61 -12.29
CA ILE A 106 -3.14 -0.61 -12.73
C ILE A 106 -2.26 -0.88 -11.53
N LEU A 107 -0.97 -1.08 -11.75
CA LEU A 107 0.04 -1.34 -10.69
C LEU A 107 1.05 -0.23 -10.75
N SER A 108 1.25 0.48 -9.66
CA SER A 108 2.40 1.40 -9.51
C SER A 108 3.68 0.60 -9.77
N LEU A 109 4.81 1.28 -10.00
CA LEU A 109 6.13 0.62 -10.06
C LEU A 109 6.33 -0.34 -8.87
N GLU A 110 6.13 0.13 -7.64
CA GLU A 110 6.35 -0.69 -6.41
C GLU A 110 5.42 -1.92 -6.44
N GLN A 111 4.16 -1.72 -6.84
CA GLN A 111 3.12 -2.78 -6.82
C GLN A 111 3.43 -3.83 -7.88
N GLY A 112 3.87 -3.41 -9.05
CA GLY A 112 4.28 -4.34 -10.12
C GLY A 112 5.56 -5.06 -9.76
N ASN A 113 6.51 -4.36 -9.14
CA ASN A 113 7.84 -4.93 -8.83
C ASN A 113 7.64 -6.11 -7.86
N ARG A 114 6.64 -6.05 -6.98
CA ARG A 114 6.34 -7.10 -5.98
C ARG A 114 6.03 -8.42 -6.70
N LEU A 115 5.44 -8.35 -7.90
CA LEU A 115 4.93 -9.54 -8.63
C LEU A 115 5.96 -10.09 -9.62
N ARG A 116 7.09 -9.40 -9.87
CA ARG A 116 8.08 -9.82 -10.90
C ARG A 116 8.58 -11.23 -10.62
N GLU A 117 8.92 -11.52 -9.36
CA GLU A 117 9.48 -12.83 -8.91
C GLU A 117 8.58 -13.94 -9.43
N GLN A 118 7.29 -13.83 -9.16
CA GLN A 118 6.30 -14.91 -9.39
C GLN A 118 5.77 -14.89 -10.84
N TYR A 119 5.66 -13.72 -11.49
CA TYR A 119 4.90 -13.59 -12.78
C TYR A 119 5.72 -13.01 -13.95
N GLY A 120 6.89 -12.41 -13.70
CA GLY A 120 7.69 -11.71 -14.72
C GLY A 120 8.27 -12.64 -15.76
N LEU A 121 8.43 -12.16 -17.00
CA LEU A 121 9.07 -12.88 -18.12
C LEU A 121 10.55 -12.46 -18.28
N GLY B 1 -0.22 24.35 10.41
CA GLY B 1 0.94 24.54 9.52
C GLY B 1 1.71 23.24 9.33
N GLY B 2 2.56 23.21 8.29
CA GLY B 2 3.33 22.02 7.86
C GLY B 2 4.17 21.44 8.98
N ASN B 3 4.72 22.29 9.86
CA ASN B 3 5.58 21.84 10.99
C ASN B 3 4.78 21.75 12.29
N SER B 4 3.47 22.03 12.28
CA SER B 4 2.64 22.09 13.50
C SER B 4 2.71 20.75 14.21
N PHE B 5 2.54 19.64 13.48
CA PHE B 5 2.41 18.30 14.10
C PHE B 5 3.72 17.52 13.99
N VAL B 6 4.74 18.07 13.33
CA VAL B 6 6.04 17.37 13.11
C VAL B 6 6.73 17.15 14.46
N GLY B 7 7.09 15.90 14.74
CA GLY B 7 7.75 15.46 15.99
C GLY B 7 6.77 15.19 17.11
N LEU B 8 5.46 15.34 16.88
CA LEU B 8 4.42 15.05 17.89
C LEU B 8 4.19 13.54 17.92
N ARG B 9 4.10 12.99 19.12
CA ARG B 9 3.79 11.55 19.34
C ARG B 9 2.31 11.28 19.02
N VAL B 10 2.07 10.14 18.38
CA VAL B 10 0.72 9.69 17.95
C VAL B 10 0.62 8.19 18.20
N VAL B 11 -0.59 7.68 18.10
CA VAL B 11 -0.86 6.23 18.07
C VAL B 11 -1.75 6.01 16.86
N ALA B 12 -1.26 5.26 15.88
CA ALA B 12 -1.83 5.27 14.52
C ALA B 12 -1.96 3.86 13.97
N LYS B 13 -2.99 3.69 13.13
CA LYS B 13 -3.33 2.43 12.46
C LYS B 13 -2.29 2.13 11.38
N TRP B 14 -1.64 0.97 11.49
CA TRP B 14 -1.02 0.20 10.39
C TRP B 14 -2.07 -0.81 9.90
N SER B 15 -2.56 -0.64 8.67
CA SER B 15 -3.90 -1.08 8.21
C SER B 15 -3.96 -2.61 8.07
N SER B 16 -2.80 -3.28 8.14
CA SER B 16 -2.64 -4.73 7.83
C SER B 16 -3.21 -5.63 8.95
N ASN B 17 -3.79 -5.04 10.01
CA ASN B 17 -4.53 -5.82 11.07
C ASN B 17 -5.51 -4.93 11.86
N GLY B 18 -5.45 -3.60 11.71
CA GLY B 18 -6.35 -2.65 12.41
C GLY B 18 -5.85 -2.26 13.80
N TYR B 19 -4.66 -2.69 14.22
CA TYR B 19 -4.07 -2.22 15.51
C TYR B 19 -3.53 -0.81 15.31
N PHE B 20 -3.55 -0.01 16.39
CA PHE B 20 -2.89 1.31 16.47
C PHE B 20 -1.57 1.17 17.25
N TYR B 21 -0.48 1.70 16.68
CA TYR B 21 0.91 1.60 17.19
C TYR B 21 1.48 2.99 17.47
N SER B 22 2.33 3.12 18.50
CA SER B 22 3.03 4.37 18.89
C SER B 22 4.06 4.76 17.82
N GLY B 23 4.16 6.06 17.56
CA GLY B 23 5.08 6.64 16.58
C GLY B 23 5.00 8.15 16.62
N LYS B 24 5.63 8.80 15.64
CA LYS B 24 5.67 10.27 15.52
C LYS B 24 5.30 10.63 14.09
N ILE B 25 4.63 11.77 13.91
CA ILE B 25 4.44 12.37 12.56
C ILE B 25 5.77 12.99 12.15
N THR B 26 6.24 12.71 10.93
CA THR B 26 7.51 13.26 10.38
C THR B 26 7.23 14.27 9.25
N ARG B 27 6.09 14.21 8.58
CA ARG B 27 5.76 15.15 7.46
C ARG B 27 4.25 15.24 7.27
N ASP B 28 3.75 16.45 7.02
CA ASP B 28 2.41 16.66 6.43
C ASP B 28 2.54 16.56 4.91
N VAL B 29 1.99 15.51 4.29
CA VAL B 29 2.14 15.22 2.83
C VAL B 29 0.92 15.73 2.07
N GLY B 30 -0.02 16.36 2.79
CA GLY B 30 -1.33 16.78 2.24
C GLY B 30 -2.21 15.60 1.91
N ALA B 31 -3.27 15.87 1.15
CA ALA B 31 -4.37 14.94 0.76
C ALA B 31 -4.91 14.22 2.01
N GLY B 32 -4.99 14.94 3.13
CA GLY B 32 -5.46 14.46 4.44
C GLY B 32 -4.57 13.40 5.04
N LYS B 33 -3.28 13.40 4.69
CA LYS B 33 -2.35 12.31 5.07
C LYS B 33 -1.10 12.88 5.73
N TYR B 34 -0.47 12.06 6.56
CA TYR B 34 0.79 12.39 7.26
C TYR B 34 1.73 11.21 7.11
N LYS B 35 3.00 11.48 6.85
CA LYS B 35 4.08 10.46 6.90
C LYS B 35 4.34 10.22 8.38
N LEU B 36 4.24 8.96 8.80
N LEU B 36 4.36 8.96 8.79
CA LEU B 36 4.51 8.52 10.18
CA LEU B 36 4.49 8.56 10.21
C LEU B 36 5.86 7.80 10.20
C LEU B 36 5.69 7.64 10.37
N LEU B 37 6.60 7.97 11.29
CA LEU B 37 7.72 7.08 11.68
C LEU B 37 7.25 6.35 12.93
N PHE B 38 6.89 5.08 12.77
CA PHE B 38 6.49 4.23 13.91
C PHE B 38 7.73 3.95 14.73
N ASP B 39 7.54 3.61 16.00
CA ASP B 39 8.66 3.40 16.93
C ASP B 39 9.51 2.19 16.44
N ASP B 40 8.94 1.30 15.62
CA ASP B 40 9.67 0.12 15.07
C ASP B 40 10.43 0.53 13.79
N GLY B 41 10.40 1.82 13.45
CA GLY B 41 11.18 2.39 12.33
C GLY B 41 10.48 2.29 11.00
N TYR B 42 9.33 1.61 10.92
CA TYR B 42 8.53 1.54 9.68
C TYR B 42 7.88 2.91 9.43
N GLU B 43 7.97 3.39 8.19
CA GLU B 43 7.51 4.74 7.79
C GLU B 43 6.50 4.57 6.64
N CYS B 44 5.35 5.22 6.76
CA CYS B 44 4.33 5.22 5.69
C CYS B 44 3.40 6.43 5.86
N ASP B 45 2.62 6.71 4.83
CA ASP B 45 1.62 7.80 4.84
C ASP B 45 0.32 7.23 5.40
N VAL B 46 -0.27 7.94 6.34
CA VAL B 46 -1.45 7.46 7.10
C VAL B 46 -2.48 8.58 7.09
N LEU B 47 -3.73 8.23 6.84
CA LEU B 47 -4.87 9.16 6.85
C LEU B 47 -5.02 9.77 8.24
N GLY B 48 -5.28 11.07 8.31
CA GLY B 48 -5.62 11.75 9.57
C GLY B 48 -6.61 10.96 10.41
N LYS B 49 -7.66 10.37 9.80
CA LYS B 49 -8.75 9.71 10.58
C LYS B 49 -8.17 8.50 11.34
N ASP B 50 -7.02 7.99 10.90
CA ASP B 50 -6.36 6.77 11.45
C ASP B 50 -5.23 7.16 12.43
N ILE B 51 -5.10 8.44 12.77
CA ILE B 51 -4.03 8.95 13.69
C ILE B 51 -4.67 9.54 14.93
N LEU B 52 -4.35 8.97 16.08
CA LEU B 52 -4.76 9.51 17.40
C LEU B 52 -3.61 10.38 17.90
N LEU B 53 -3.81 11.68 17.91
CA LEU B 53 -2.80 12.61 18.46
C LEU B 53 -2.96 12.56 19.97
N CYS B 54 -2.26 11.62 20.58
CA CYS B 54 -2.58 11.11 21.92
C CYS B 54 -1.28 10.66 22.58
N ASP B 55 -0.79 11.40 23.55
CA ASP B 55 0.48 11.02 24.21
C ASP B 55 0.60 11.74 25.54
N PRO B 56 0.86 11.01 26.65
CA PRO B 56 0.78 9.56 26.68
C PRO B 56 -0.68 9.11 26.49
N ILE B 57 -0.87 7.82 26.22
CA ILE B 57 -2.22 7.21 26.28
C ILE B 57 -2.74 7.42 27.70
N PRO B 58 -3.90 8.06 27.88
CA PRO B 58 -4.29 8.57 29.19
C PRO B 58 -4.86 7.53 30.17
N LEU B 59 -4.83 7.89 31.45
CA LEU B 59 -5.35 7.09 32.58
C LEU B 59 -6.72 6.53 32.19
N ASP B 60 -6.99 5.27 32.51
CA ASP B 60 -8.31 4.60 32.40
C ASP B 60 -8.62 4.23 30.95
N THR B 61 -7.69 4.39 30.02
CA THR B 61 -7.84 3.91 28.63
C THR B 61 -7.67 2.39 28.62
N GLU B 62 -8.56 1.67 27.94
CA GLU B 62 -8.39 0.22 27.68
C GLU B 62 -7.41 0.01 26.51
N VAL B 63 -6.36 -0.78 26.75
CA VAL B 63 -5.25 -1.02 25.78
C VAL B 63 -4.99 -2.53 25.70
N THR B 64 -4.15 -2.94 24.75
CA THR B 64 -3.57 -4.29 24.63
C THR B 64 -2.10 -4.24 25.09
N ALA B 65 -1.74 -4.99 26.15
CA ALA B 65 -0.37 -5.04 26.71
C ALA B 65 0.34 -6.30 26.22
N LEU B 66 1.56 -6.15 25.71
CA LEU B 66 2.31 -7.26 25.06
C LEU B 66 3.36 -7.80 26.03
N SER B 67 3.45 -9.13 26.15
CA SER B 67 4.55 -9.81 26.88
C SER B 67 5.72 -10.10 25.95
N GLU B 68 6.74 -10.77 26.47
CA GLU B 68 7.71 -11.58 25.68
C GLU B 68 6.96 -12.83 25.18
N ASP B 69 7.31 -13.33 24.00
CA ASP B 69 6.64 -14.50 23.38
C ASP B 69 5.25 -14.06 22.90
N GLU B 70 4.28 -15.01 22.89
CA GLU B 70 3.00 -14.93 22.13
C GLU B 70 1.88 -14.39 23.03
N TYR B 71 2.16 -14.14 24.30
CA TYR B 71 1.19 -13.66 25.31
C TYR B 71 0.89 -12.17 25.07
N PHE B 72 -0.39 -11.82 24.97
CA PHE B 72 -0.93 -10.43 25.01
C PHE B 72 -2.33 -10.46 25.61
N SER B 73 -2.79 -9.36 26.20
CA SER B 73 -4.14 -9.25 26.81
C SER B 73 -4.57 -7.79 26.95
N ALA B 74 -5.88 -7.58 27.03
CA ALA B 74 -6.54 -6.29 27.34
C ALA B 74 -6.22 -5.90 28.78
N GLY B 75 -5.95 -4.61 29.01
CA GLY B 75 -5.75 -4.02 30.34
C GLY B 75 -6.14 -2.55 30.32
N VAL B 76 -6.17 -1.92 31.49
CA VAL B 76 -6.55 -0.49 31.64
C VAL B 76 -5.34 0.27 32.19
N VAL B 77 -5.02 1.41 31.58
CA VAL B 77 -3.90 2.30 32.01
C VAL B 77 -4.29 2.90 33.35
N LYS B 78 -3.45 2.71 34.37
CA LYS B 78 -3.69 3.19 35.77
C LYS B 78 -2.48 4.00 36.27
N GLY B 79 -1.51 4.30 35.40
CA GLY B 79 -0.27 4.98 35.81
C GLY B 79 0.73 5.11 34.68
N HIS B 80 1.60 6.11 34.78
CA HIS B 80 2.76 6.38 33.88
C HIS B 80 4.03 6.55 34.70
N ARG B 81 5.18 6.37 34.06
CA ARG B 81 6.54 6.49 34.66
C ARG B 81 7.56 6.62 33.52
N LYS B 82 8.69 7.28 33.77
CA LYS B 82 9.78 7.46 32.76
C LYS B 82 11.09 6.87 33.30
N GLU B 83 11.84 6.19 32.43
CA GLU B 83 13.18 5.60 32.73
C GLU B 83 14.25 6.53 32.16
N SER B 84 14.96 6.10 31.10
CA SER B 84 16.03 6.88 30.42
C SER B 84 15.45 7.60 29.20
N GLY B 85 14.39 8.39 29.39
CA GLY B 85 13.70 9.13 28.32
C GLY B 85 12.71 8.24 27.56
N GLU B 86 12.58 6.98 27.98
CA GLU B 86 11.55 6.02 27.48
C GLU B 86 10.42 5.92 28.53
N LEU B 87 9.18 5.66 28.07
CA LEU B 87 7.95 5.77 28.89
C LEU B 87 7.42 4.37 29.22
N TYR B 88 6.91 4.21 30.45
CA TYR B 88 6.29 2.96 30.95
C TYR B 88 4.86 3.24 31.41
N TYR B 89 3.96 2.34 31.03
CA TYR B 89 2.54 2.35 31.43
C TYR B 89 2.31 1.31 32.53
N SER B 90 1.62 1.69 33.61
CA SER B 90 1.02 0.76 34.61
C SER B 90 -0.33 0.29 34.06
N ILE B 91 -0.46 -1.02 33.82
CA ILE B 91 -1.63 -1.66 33.19
C ILE B 91 -2.29 -2.60 34.20
N GLU B 92 -3.60 -2.46 34.42
CA GLU B 92 -4.36 -3.26 35.41
C GLU B 92 -5.21 -4.30 34.67
N LYS B 93 -5.17 -5.54 35.16
CA LYS B 93 -6.02 -6.67 34.73
C LYS B 93 -6.43 -7.43 36.01
N GLU B 94 -7.73 -7.44 36.33
CA GLU B 94 -8.31 -8.24 37.45
C GLU B 94 -7.64 -7.87 38.78
N GLY B 95 -7.34 -6.58 39.00
CA GLY B 95 -6.79 -6.05 40.26
C GLY B 95 -5.28 -6.22 40.38
N GLN B 96 -4.62 -6.76 39.35
CA GLN B 96 -3.14 -6.95 39.30
C GLN B 96 -2.52 -5.90 38.38
N ARG B 97 -1.34 -5.37 38.71
CA ARG B 97 -0.64 -4.36 37.89
C ARG B 97 0.74 -4.86 37.45
N LYS B 98 1.14 -4.44 36.25
CA LYS B 98 2.49 -4.63 35.69
C LYS B 98 2.85 -3.36 34.92
N TRP B 99 4.14 -3.05 34.88
CA TRP B 99 4.70 -1.94 34.06
C TRP B 99 5.09 -2.51 32.70
N TYR B 100 4.64 -1.84 31.63
CA TYR B 100 4.95 -2.18 30.22
C TYR B 100 5.60 -0.99 29.54
N LYS B 101 6.67 -1.25 28.79
CA LYS B 101 7.35 -0.21 27.97
C LYS B 101 6.42 0.25 26.86
N ARG B 102 6.67 1.44 26.32
CA ARG B 102 5.80 2.11 25.31
C ARG B 102 5.47 1.11 24.19
N MET B 103 6.45 0.41 23.65
CA MET B 103 6.21 -0.43 22.45
C MET B 103 5.55 -1.76 22.85
N ALA B 104 5.29 -1.97 24.13
CA ALA B 104 4.53 -3.13 24.64
C ALA B 104 3.07 -2.71 24.91
N VAL B 105 2.67 -1.52 24.47
CA VAL B 105 1.26 -1.05 24.59
C VAL B 105 0.77 -0.64 23.21
N ILE B 106 -0.24 -1.32 22.70
CA ILE B 106 -0.89 -1.00 21.40
C ILE B 106 -2.39 -0.97 21.63
N LEU B 107 -3.17 -0.54 20.64
CA LEU B 107 -4.65 -0.50 20.71
C LEU B 107 -5.23 -1.41 19.64
N SER B 108 -6.18 -2.28 20.01
CA SER B 108 -7.01 -3.02 19.02
C SER B 108 -7.81 -2.01 18.20
N LEU B 109 -8.35 -2.44 17.05
CA LEU B 109 -9.28 -1.59 16.25
C LEU B 109 -10.36 -1.06 17.19
N GLU B 110 -10.99 -1.93 17.99
CA GLU B 110 -12.08 -1.54 18.92
C GLU B 110 -11.54 -0.47 19.90
N GLN B 111 -10.35 -0.68 20.48
CA GLN B 111 -9.76 0.21 21.51
C GLN B 111 -9.42 1.56 20.87
N GLY B 112 -8.83 1.56 19.68
CA GLY B 112 -8.49 2.79 18.95
C GLY B 112 -9.74 3.55 18.53
N ASN B 113 -10.74 2.84 18.02
CA ASN B 113 -12.00 3.47 17.54
C ASN B 113 -12.65 4.31 18.65
N ARG B 114 -12.66 3.83 19.89
CA ARG B 114 -13.24 4.53 21.07
C ARG B 114 -12.56 5.89 21.30
N LEU B 115 -11.31 6.08 20.85
CA LEU B 115 -10.52 7.32 21.09
C LEU B 115 -10.58 8.27 19.90
N ARG B 116 -11.25 7.91 18.79
CA ARG B 116 -11.18 8.73 17.55
C ARG B 116 -11.88 10.08 17.73
N GLU B 117 -13.07 10.11 18.32
CA GLU B 117 -13.80 11.39 18.51
C GLU B 117 -12.90 12.37 19.28
N GLN B 118 -12.23 11.93 20.35
CA GLN B 118 -11.50 12.85 21.29
C GLN B 118 -10.08 13.14 20.80
N TYR B 119 -9.44 12.21 20.07
CA TYR B 119 -7.99 12.31 19.75
C TYR B 119 -7.69 12.28 18.24
N GLY B 120 -8.62 11.84 17.39
CA GLY B 120 -8.36 11.59 15.96
C GLY B 120 -8.12 12.88 15.17
N LEU B 121 -7.24 12.82 14.14
CA LEU B 121 -6.93 14.00 13.27
C LEU B 121 -7.77 13.98 11.99
N GLY B 122 -8.88 13.25 12.00
CA GLY B 122 -9.90 13.30 10.92
C GLY B 122 -11.26 12.87 11.44
N PRO B 123 -12.29 12.72 10.57
CA PRO B 123 -13.62 12.31 11.01
C PRO B 123 -13.61 11.08 11.93
N TYR B 124 -14.51 11.04 12.90
CA TYR B 124 -14.69 9.90 13.85
C TYR B 124 -15.88 9.05 13.38
N GLY C 1 11.75 38.35 -2.22
CA GLY C 1 11.91 37.93 -0.79
C GLY C 1 11.06 36.71 -0.47
N GLY C 2 11.07 36.25 0.78
CA GLY C 2 10.50 34.95 1.21
C GLY C 2 9.00 34.83 0.96
N ASN C 3 8.27 35.94 1.01
CA ASN C 3 6.80 35.97 0.87
C ASN C 3 6.38 36.39 -0.54
N SER C 4 7.32 36.79 -1.39
CA SER C 4 7.06 37.36 -2.74
C SER C 4 6.18 36.40 -3.55
N PHE C 5 6.44 35.09 -3.51
CA PHE C 5 5.76 34.13 -4.38
C PHE C 5 4.66 33.38 -3.63
N VAL C 6 4.49 33.63 -2.33
CA VAL C 6 3.49 32.89 -1.52
C VAL C 6 2.09 33.22 -2.06
N GLY C 7 1.35 32.17 -2.39
CA GLY C 7 -0.03 32.22 -2.89
C GLY C 7 -0.10 32.35 -4.38
N LEU C 8 1.03 32.48 -5.07
CA LEU C 8 1.04 32.57 -6.55
C LEU C 8 0.80 31.18 -7.13
N ARG C 9 0.09 31.15 -8.25
CA ARG C 9 -0.18 29.90 -8.98
C ARG C 9 1.02 29.50 -9.86
N VAL C 10 1.26 28.20 -9.92
CA VAL C 10 2.40 27.58 -10.61
C VAL C 10 1.92 26.32 -11.31
N VAL C 11 2.73 25.84 -12.23
CA VAL C 11 2.55 24.50 -12.86
C VAL C 11 3.89 23.80 -12.67
N ALA C 12 3.91 22.73 -11.88
CA ALA C 12 5.16 22.20 -11.30
C ALA C 12 5.26 20.69 -11.43
N LYS C 13 6.49 20.19 -11.59
CA LYS C 13 6.78 18.78 -11.82
C LYS C 13 6.55 17.97 -10.54
N TRP C 14 5.71 16.96 -10.71
CA TRP C 14 5.60 15.76 -9.88
C TRP C 14 6.59 14.74 -10.40
N SER C 15 7.66 14.53 -9.63
CA SER C 15 8.83 13.66 -9.93
C SER C 15 8.40 12.30 -10.46
N SER C 16 7.37 11.68 -9.85
CA SER C 16 6.96 10.26 -10.04
C SER C 16 6.67 9.97 -11.53
N ASN C 17 6.12 10.94 -12.27
CA ASN C 17 5.63 10.70 -13.65
C ASN C 17 6.12 11.77 -14.64
N GLY C 18 6.79 12.82 -14.17
CA GLY C 18 7.42 13.80 -15.07
C GLY C 18 6.45 14.84 -15.60
N TYR C 19 5.14 14.72 -15.31
CA TYR C 19 4.17 15.75 -15.73
C TYR C 19 4.27 16.97 -14.80
N PHE C 20 3.90 18.13 -15.32
CA PHE C 20 3.72 19.39 -14.53
C PHE C 20 2.24 19.55 -14.24
N TYR C 21 1.93 19.85 -12.99
CA TYR C 21 0.57 19.97 -12.43
C TYR C 21 0.33 21.35 -11.86
N SER C 22 -0.91 21.86 -11.95
CA SER C 22 -1.35 23.15 -11.37
C SER C 22 -1.34 23.07 -9.84
N GLY C 23 -0.87 24.12 -9.22
CA GLY C 23 -0.82 24.26 -7.76
C GLY C 23 -0.48 25.68 -7.38
N LYS C 24 -0.10 25.90 -6.12
CA LYS C 24 0.24 27.25 -5.60
C LYS C 24 1.48 27.10 -4.73
N ILE C 25 2.30 28.14 -4.66
CA ILE C 25 3.44 28.15 -3.70
C ILE C 25 2.89 28.49 -2.31
N THR C 26 3.31 27.77 -1.26
CA THR C 26 2.87 28.07 0.11
C THR C 26 4.04 28.58 0.96
N ARG C 27 5.28 28.22 0.62
CA ARG C 27 6.48 28.64 1.41
C ARG C 27 7.74 28.61 0.55
N ASP C 28 8.61 29.60 0.73
CA ASP C 28 10.01 29.56 0.25
C ASP C 28 10.83 28.81 1.31
N VAL C 29 11.31 27.62 0.99
CA VAL C 29 12.03 26.75 1.99
C VAL C 29 13.54 26.95 1.85
N GLY C 30 13.98 27.88 1.01
CA GLY C 30 15.40 28.30 0.87
C GLY C 30 16.03 27.85 -0.44
N ALA C 31 16.98 28.64 -0.95
CA ALA C 31 17.87 28.27 -2.07
C ALA C 31 17.06 28.11 -3.36
N GLY C 32 15.93 28.84 -3.47
CA GLY C 32 15.06 28.78 -4.67
C GLY C 32 14.24 27.49 -4.74
N LYS C 33 14.08 26.81 -3.60
CA LYS C 33 13.23 25.60 -3.44
C LYS C 33 11.95 26.01 -2.70
N TYR C 34 10.79 25.45 -3.05
CA TYR C 34 9.47 25.95 -2.58
C TYR C 34 8.57 24.80 -2.17
N LYS C 35 7.82 24.97 -1.09
CA LYS C 35 6.70 24.09 -0.70
C LYS C 35 5.49 24.44 -1.56
N LEU C 36 4.90 23.43 -2.20
CA LEU C 36 3.76 23.60 -3.11
C LEU C 36 2.53 22.91 -2.53
N LEU C 37 1.38 23.50 -2.77
CA LEU C 37 0.07 22.84 -2.55
C LEU C 37 -0.48 22.61 -3.95
N PHE C 38 -0.45 21.36 -4.41
CA PHE C 38 -1.03 21.00 -5.73
C PHE C 38 -2.55 21.05 -5.60
N ASP C 39 -3.23 21.22 -6.72
CA ASP C 39 -4.71 21.35 -6.75
C ASP C 39 -5.39 20.04 -6.29
N ASP C 40 -4.66 18.93 -6.25
CA ASP C 40 -5.20 17.62 -5.75
C ASP C 40 -4.95 17.50 -4.25
N GLY C 41 -4.38 18.54 -3.63
CA GLY C 41 -4.15 18.61 -2.17
C GLY C 41 -2.82 18.03 -1.72
N TYR C 42 -2.07 17.37 -2.61
CA TYR C 42 -0.71 16.89 -2.25
C TYR C 42 0.18 18.10 -1.96
N GLU C 43 0.98 18.00 -0.92
CA GLU C 43 1.92 19.06 -0.48
C GLU C 43 3.33 18.48 -0.42
N CYS C 44 4.28 19.10 -1.11
CA CYS C 44 5.70 18.71 -1.04
C CYS C 44 6.61 19.86 -1.50
N ASP C 45 7.90 19.70 -1.23
CA ASP C 45 8.96 20.66 -1.62
C ASP C 45 9.42 20.35 -3.03
N VAL C 46 9.51 21.37 -3.87
CA VAL C 46 9.86 21.24 -5.31
C VAL C 46 10.98 22.24 -5.62
N LEU C 47 11.99 21.78 -6.36
CA LEU C 47 13.10 22.65 -6.80
C LEU C 47 12.57 23.69 -7.78
N GLY C 48 13.10 24.91 -7.72
CA GLY C 48 12.66 26.00 -8.61
C GLY C 48 12.73 25.60 -10.08
N LYS C 49 13.76 24.84 -10.47
CA LYS C 49 13.98 24.46 -11.88
C LYS C 49 12.78 23.66 -12.39
N ASP C 50 12.02 23.06 -11.47
CA ASP C 50 10.87 22.17 -11.79
C ASP C 50 9.54 22.94 -11.63
N ILE C 51 9.58 24.24 -11.38
CA ILE C 51 8.38 25.10 -11.15
C ILE C 51 8.25 26.12 -12.29
N LEU C 52 7.10 26.13 -12.96
CA LEU C 52 6.72 27.21 -13.90
C LEU C 52 5.85 28.20 -13.12
N LEU C 53 6.39 29.39 -12.86
CA LEU C 53 5.61 30.50 -12.27
C LEU C 53 4.80 31.12 -13.40
N CYS C 54 3.61 30.57 -13.62
CA CYS C 54 2.88 30.63 -14.90
C CYS C 54 1.38 30.48 -14.60
N ASP C 55 0.60 31.53 -14.84
CA ASP C 55 -0.86 31.44 -14.65
C ASP C 55 -1.55 32.64 -15.27
N PRO C 56 -2.54 32.43 -16.16
CA PRO C 56 -2.84 31.10 -16.70
C PRO C 56 -1.75 30.61 -17.65
N ILE C 57 -1.81 29.33 -18.02
CA ILE C 57 -0.98 28.79 -19.10
C ILE C 57 -1.32 29.60 -20.35
N PRO C 58 -0.33 30.22 -21.01
CA PRO C 58 -0.61 31.22 -22.05
C PRO C 58 -1.15 30.64 -23.37
N LEU C 59 -1.86 31.48 -24.13
CA LEU C 59 -2.33 31.18 -25.50
C LEU C 59 -1.21 30.51 -26.32
N ASP C 60 -1.59 29.50 -27.11
CA ASP C 60 -0.76 28.76 -28.10
C ASP C 60 0.26 27.84 -27.40
N THR C 61 0.10 27.57 -26.12
CA THR C 61 0.93 26.54 -25.43
C THR C 61 0.37 25.16 -25.81
N GLU C 62 1.23 24.22 -26.19
CA GLU C 62 0.82 22.80 -26.31
C GLU C 62 0.71 22.20 -24.89
N VAL C 63 -0.43 21.59 -24.60
CA VAL C 63 -0.75 21.01 -23.28
C VAL C 63 -1.31 19.61 -23.48
N THR C 64 -1.52 18.92 -22.36
CA THR C 64 -2.18 17.59 -22.32
C THR C 64 -3.53 17.80 -21.65
N ALA C 65 -4.61 17.60 -22.40
CA ALA C 65 -5.99 17.80 -21.92
C ALA C 65 -6.59 16.44 -21.53
N LEU C 66 -7.22 16.38 -20.36
CA LEU C 66 -7.66 15.10 -19.72
C LEU C 66 -9.19 14.94 -19.84
N SER C 67 -9.62 13.72 -20.12
CA SER C 67 -11.04 13.29 -20.23
C SER C 67 -11.25 11.97 -19.48
N GLU C 68 -12.51 11.63 -19.20
CA GLU C 68 -12.93 10.29 -18.71
C GLU C 68 -12.71 9.25 -19.81
N ASP C 69 -12.76 9.70 -21.08
CA ASP C 69 -12.98 8.85 -22.28
C ASP C 69 -11.65 8.57 -22.98
N GLU C 70 -10.95 9.61 -23.44
CA GLU C 70 -9.68 9.49 -24.20
C GLU C 70 -8.51 9.44 -23.23
N TYR C 71 -8.79 9.64 -21.93
CA TYR C 71 -7.80 9.67 -20.83
C TYR C 71 -6.94 10.94 -20.95
N PHE C 72 -6.38 11.18 -22.15
CA PHE C 72 -5.53 12.36 -22.44
C PHE C 72 -5.34 12.51 -23.96
N SER C 73 -5.12 13.75 -24.39
CA SER C 73 -4.66 14.08 -25.75
C SER C 73 -3.93 15.42 -25.72
N ALA C 74 -2.96 15.62 -26.62
CA ALA C 74 -2.31 16.92 -26.82
C ALA C 74 -3.26 17.88 -27.51
N GLY C 75 -3.18 19.14 -27.11
CA GLY C 75 -3.98 20.23 -27.68
C GLY C 75 -3.30 21.56 -27.46
N VAL C 76 -3.89 22.63 -27.98
CA VAL C 76 -3.27 23.97 -27.94
C VAL C 76 -4.24 24.93 -27.24
N VAL C 77 -3.75 25.69 -26.27
CA VAL C 77 -4.60 26.64 -25.51
C VAL C 77 -4.98 27.77 -26.48
N LYS C 78 -6.27 28.07 -26.63
CA LYS C 78 -6.74 29.14 -27.53
C LYS C 78 -7.61 30.17 -26.80
N GLY C 79 -7.92 29.93 -25.53
CA GLY C 79 -8.61 30.92 -24.68
C GLY C 79 -8.78 30.45 -23.25
N HIS C 80 -9.37 31.33 -22.44
CA HIS C 80 -9.49 31.25 -20.97
C HIS C 80 -10.85 31.80 -20.57
N ARG C 81 -11.44 31.21 -19.54
CA ARG C 81 -12.74 31.63 -18.97
C ARG C 81 -12.63 31.46 -17.46
N LYS C 82 -12.77 32.56 -16.71
CA LYS C 82 -12.97 32.58 -15.24
C LYS C 82 -14.47 32.43 -14.91
N GLU C 83 -14.91 31.26 -14.45
CA GLU C 83 -16.30 30.99 -13.97
C GLU C 83 -16.28 30.68 -12.48
N SER C 84 -16.61 31.65 -11.63
CA SER C 84 -16.79 31.49 -10.16
C SER C 84 -15.51 30.95 -9.53
N GLY C 85 -14.36 31.55 -9.85
CA GLY C 85 -13.04 31.17 -9.27
C GLY C 85 -12.32 30.12 -10.11
N GLU C 86 -13.02 29.04 -10.48
CA GLU C 86 -12.53 27.99 -11.40
C GLU C 86 -12.08 28.63 -12.72
N LEU C 87 -10.97 28.14 -13.28
CA LEU C 87 -10.45 28.58 -14.59
C LEU C 87 -10.72 27.44 -15.58
N TYR C 88 -11.29 27.78 -16.73
CA TYR C 88 -11.43 26.86 -17.88
C TYR C 88 -10.49 27.28 -18.99
N TYR C 89 -9.89 26.28 -19.65
CA TYR C 89 -9.05 26.47 -20.83
C TYR C 89 -9.83 26.03 -22.06
N SER C 90 -9.82 26.85 -23.11
CA SER C 90 -10.30 26.48 -24.46
C SER C 90 -9.15 25.79 -25.18
N ILE C 91 -9.28 24.48 -25.40
CA ILE C 91 -8.21 23.65 -26.02
C ILE C 91 -8.62 23.28 -27.43
N GLU C 92 -7.78 23.60 -28.40
CA GLU C 92 -8.00 23.29 -29.84
C GLU C 92 -7.28 21.98 -30.18
N LYS C 93 -8.02 21.05 -30.78
CA LYS C 93 -7.48 19.78 -31.32
C LYS C 93 -8.17 19.53 -32.66
N GLU C 94 -7.40 19.55 -33.75
CA GLU C 94 -7.88 19.30 -35.14
C GLU C 94 -9.04 20.26 -35.48
N GLY C 95 -8.82 21.56 -35.27
CA GLY C 95 -9.73 22.63 -35.72
C GLY C 95 -11.02 22.68 -34.93
N GLN C 96 -11.17 21.84 -33.89
CA GLN C 96 -12.33 21.88 -32.97
C GLN C 96 -11.83 22.28 -31.57
N ARG C 97 -12.68 22.94 -30.80
CA ARG C 97 -12.35 23.42 -29.44
C ARG C 97 -13.33 22.84 -28.41
N LYS C 98 -12.79 22.63 -27.20
CA LYS C 98 -13.48 22.05 -26.03
C LYS C 98 -12.93 22.78 -24.80
N TRP C 99 -13.79 23.10 -23.82
CA TRP C 99 -13.37 23.65 -22.51
C TRP C 99 -12.91 22.52 -21.58
N TYR C 100 -11.81 22.75 -20.88
CA TYR C 100 -11.28 21.86 -19.84
C TYR C 100 -11.05 22.67 -18.56
N LYS C 101 -11.45 22.13 -17.43
CA LYS C 101 -11.20 22.79 -16.13
C LYS C 101 -9.68 22.73 -15.87
N ARG C 102 -9.22 23.58 -14.96
CA ARG C 102 -7.76 23.72 -14.64
C ARG C 102 -7.15 22.33 -14.41
N MET C 103 -7.75 21.50 -13.56
CA MET C 103 -7.14 20.20 -13.18
C MET C 103 -7.24 19.19 -14.33
N ALA C 104 -7.92 19.51 -15.43
CA ALA C 104 -7.94 18.68 -16.66
C ALA C 104 -6.90 19.17 -17.69
N VAL C 105 -5.98 20.04 -17.29
CA VAL C 105 -4.86 20.49 -18.16
C VAL C 105 -3.56 20.30 -17.38
N ILE C 106 -2.69 19.47 -17.94
CA ILE C 106 -1.34 19.21 -17.39
C ILE C 106 -0.31 19.33 -18.52
N LEU C 107 0.95 19.34 -18.19
CA LEU C 107 2.05 19.41 -19.18
C LEU C 107 2.89 18.15 -19.06
N SER C 108 3.12 17.50 -20.18
CA SER C 108 4.11 16.39 -20.26
C SER C 108 5.47 16.96 -19.88
N LEU C 109 6.42 16.08 -19.56
CA LEU C 109 7.81 16.52 -19.30
C LEU C 109 8.24 17.46 -20.44
N GLU C 110 8.09 17.00 -21.70
N GLU C 110 8.01 17.05 -21.70
CA GLU C 110 8.42 17.77 -22.94
CA GLU C 110 8.48 17.79 -22.88
C GLU C 110 7.72 19.13 -22.90
C GLU C 110 7.70 19.12 -23.02
N GLN C 111 6.39 19.11 -22.72
CA GLN C 111 5.55 20.33 -22.84
C GLN C 111 5.98 21.34 -21.76
N GLY C 112 6.26 20.88 -20.55
CA GLY C 112 6.63 21.76 -19.44
C GLY C 112 8.03 22.32 -19.62
N ASN C 113 8.97 21.47 -20.04
CA ASN C 113 10.39 21.84 -20.16
C ASN C 113 10.53 23.08 -21.05
N ARG C 114 9.78 23.15 -22.14
CA ARG C 114 10.01 24.22 -23.14
C ARG C 114 9.46 25.55 -22.62
N LEU C 115 8.75 25.57 -21.50
CA LEU C 115 8.22 26.83 -20.89
C LEU C 115 9.20 27.37 -19.83
N ARG C 116 10.29 26.65 -19.52
CA ARG C 116 11.19 27.00 -18.38
C ARG C 116 11.83 28.38 -18.64
N GLU C 117 12.29 28.66 -19.85
CA GLU C 117 12.99 29.93 -20.13
C GLU C 117 12.02 31.10 -19.88
N GLN C 118 10.75 30.96 -20.27
CA GLN C 118 9.77 32.09 -20.15
C GLN C 118 9.13 32.12 -18.75
N TYR C 119 9.09 31.02 -17.98
CA TYR C 119 8.28 30.96 -16.74
C TYR C 119 8.97 30.27 -15.55
N GLY C 120 10.10 29.61 -15.77
CA GLY C 120 10.76 28.74 -14.77
C GLY C 120 11.34 29.54 -13.61
N LEU C 121 11.45 28.91 -12.46
CA LEU C 121 12.25 29.43 -11.33
C LEU C 121 13.59 28.68 -11.31
N GLY C 122 14.27 28.61 -10.17
CA GLY C 122 15.64 28.08 -10.07
C GLY C 122 16.57 28.94 -10.92
N PRO C 123 17.38 28.35 -11.84
CA PRO C 123 18.23 29.16 -12.71
C PRO C 123 17.44 30.05 -13.67
N TYR C 124 16.16 29.72 -13.89
CA TYR C 124 15.31 30.31 -14.96
C TYR C 124 14.62 31.59 -14.48
N GLU C 125 14.74 31.94 -13.19
CA GLU C 125 14.08 33.14 -12.59
C GLU C 125 14.23 34.34 -13.53
N GLY D 1 -13.11 -38.89 4.85
CA GLY D 1 -14.14 -39.01 5.92
C GLY D 1 -13.93 -38.01 7.04
N GLY D 2 -14.87 -37.94 7.98
CA GLY D 2 -14.96 -36.87 9.00
C GLY D 2 -13.76 -36.86 9.94
N ASN D 3 -13.18 -38.03 10.22
CA ASN D 3 -12.05 -38.21 11.18
C ASN D 3 -10.70 -38.25 10.45
N SER D 4 -10.72 -38.21 9.10
CA SER D 4 -9.52 -38.34 8.23
C SER D 4 -8.41 -37.40 8.69
N PHE D 5 -8.72 -36.14 8.98
CA PHE D 5 -7.67 -35.11 9.25
C PHE D 5 -7.60 -34.71 10.73
N VAL D 6 -8.42 -35.31 11.59
CA VAL D 6 -8.43 -34.96 13.04
C VAL D 6 -7.11 -35.36 13.69
N GLY D 7 -6.50 -34.42 14.43
CA GLY D 7 -5.22 -34.59 15.14
C GLY D 7 -4.02 -34.25 14.28
N LEU D 8 -4.18 -34.01 12.98
CA LEU D 8 -3.05 -33.69 12.07
C LEU D 8 -2.58 -32.26 12.33
N ARG D 9 -1.28 -32.04 12.32
CA ARG D 9 -0.69 -30.69 12.44
C ARG D 9 -0.83 -29.96 11.10
N VAL D 10 -1.16 -28.68 11.18
CA VAL D 10 -1.33 -27.81 9.99
C VAL D 10 -0.74 -26.43 10.26
N VAL D 11 -0.71 -25.62 9.22
CA VAL D 11 -0.42 -24.16 9.32
C VAL D 11 -1.55 -23.44 8.59
N ALA D 12 -2.32 -22.65 9.33
CA ALA D 12 -3.66 -22.21 8.88
C ALA D 12 -3.81 -20.71 9.07
N LYS D 13 -4.49 -20.08 8.12
CA LYS D 13 -4.75 -18.63 8.12
C LYS D 13 -5.71 -18.26 9.25
N TRP D 14 -5.33 -17.23 10.00
CA TRP D 14 -6.22 -16.49 10.92
C TRP D 14 -6.55 -15.16 10.25
N SER D 15 -7.80 -15.00 9.86
CA SER D 15 -8.28 -14.00 8.88
C SER D 15 -7.74 -12.60 9.23
N SER D 16 -7.66 -12.28 10.53
CA SER D 16 -7.64 -10.89 11.06
C SER D 16 -6.23 -10.27 10.98
N ASN D 17 -5.21 -10.98 10.47
CA ASN D 17 -3.90 -10.37 10.11
C ASN D 17 -3.28 -11.05 8.87
N GLY D 18 -3.95 -12.06 8.28
CA GLY D 18 -3.50 -12.74 7.06
C GLY D 18 -2.40 -13.76 7.31
N TYR D 19 -1.85 -13.86 8.53
CA TYR D 19 -0.71 -14.78 8.80
C TYR D 19 -1.26 -16.20 8.98
N PHE D 20 -0.48 -17.19 8.55
CA PHE D 20 -0.73 -18.64 8.78
C PHE D 20 0.05 -19.08 10.02
N TYR D 21 -0.62 -19.79 10.93
CA TYR D 21 -0.15 -20.15 12.28
C TYR D 21 -0.20 -21.66 12.46
N SER D 22 0.73 -22.22 13.23
CA SER D 22 0.77 -23.67 13.56
C SER D 22 -0.40 -24.04 14.46
N GLY D 23 -1.01 -25.18 14.18
CA GLY D 23 -2.20 -25.67 14.88
C GLY D 23 -2.45 -27.12 14.54
N LYS D 24 -3.61 -27.62 14.94
CA LYS D 24 -4.12 -28.98 14.62
C LYS D 24 -5.60 -28.93 14.26
N ILE D 25 -6.04 -29.79 13.35
CA ILE D 25 -7.47 -29.97 13.03
C ILE D 25 -8.12 -30.75 14.17
N THR D 26 -9.27 -30.27 14.67
CA THR D 26 -10.08 -30.94 15.72
C THR D 26 -11.38 -31.51 15.14
N ARG D 27 -11.89 -30.98 14.02
CA ARG D 27 -13.21 -31.40 13.49
C ARG D 27 -13.34 -31.04 12.02
N ASP D 28 -14.02 -31.89 11.25
CA ASP D 28 -14.63 -31.56 9.94
C ASP D 28 -16.06 -31.06 10.23
N VAL D 29 -16.35 -29.78 9.96
CA VAL D 29 -17.63 -29.11 10.36
C VAL D 29 -18.51 -28.93 9.12
N GLY D 30 -18.14 -29.56 7.98
CA GLY D 30 -18.79 -29.39 6.67
C GLY D 30 -18.75 -27.95 6.18
N ALA D 31 -19.62 -27.58 5.26
CA ALA D 31 -19.71 -26.23 4.64
C ALA D 31 -18.29 -25.75 4.24
N GLY D 32 -17.43 -26.69 3.83
CA GLY D 32 -16.08 -26.44 3.29
C GLY D 32 -15.01 -26.26 4.37
N LYS D 33 -15.39 -26.36 5.65
CA LYS D 33 -14.57 -25.85 6.79
C LYS D 33 -14.09 -26.98 7.69
N TYR D 34 -13.02 -26.72 8.45
CA TYR D 34 -12.48 -27.53 9.57
C TYR D 34 -12.38 -26.64 10.81
N LYS D 35 -12.70 -27.19 11.97
CA LYS D 35 -12.41 -26.54 13.27
C LYS D 35 -10.93 -26.77 13.56
N LEU D 36 -10.21 -25.69 13.84
N LEU D 36 -10.22 -25.71 13.94
CA LEU D 36 -8.77 -25.70 14.18
CA LEU D 36 -8.74 -25.75 14.13
C LEU D 36 -8.62 -25.43 15.67
C LEU D 36 -8.41 -25.26 15.53
N LEU D 37 -7.61 -26.01 16.28
CA LEU D 37 -7.06 -25.56 17.56
C LEU D 37 -5.63 -25.09 17.31
N PHE D 38 -5.44 -23.77 17.24
CA PHE D 38 -4.09 -23.19 17.08
C PHE D 38 -3.31 -23.43 18.36
N ASP D 39 -1.99 -23.34 18.25
CA ASP D 39 -1.03 -23.66 19.34
C ASP D 39 -1.14 -22.61 20.46
N ASP D 40 -1.81 -21.48 20.19
CA ASP D 40 -2.08 -20.43 21.21
C ASP D 40 -3.41 -20.69 21.95
N GLY D 41 -4.17 -21.72 21.56
CA GLY D 41 -5.42 -22.11 22.26
C GLY D 41 -6.66 -21.56 21.60
N TYR D 42 -6.53 -20.68 20.59
CA TYR D 42 -7.66 -20.13 19.82
C TYR D 42 -8.23 -21.24 18.94
N GLU D 43 -9.56 -21.41 18.95
CA GLU D 43 -10.27 -22.44 18.17
C GLU D 43 -11.29 -21.76 17.26
N CYS D 44 -11.11 -21.84 15.94
N CYS D 44 -11.11 -21.90 15.95
CA CYS D 44 -12.07 -21.26 14.98
CA CYS D 44 -11.95 -21.26 14.90
C CYS D 44 -12.17 -22.16 13.75
C CYS D 44 -12.22 -22.26 13.77
N ASP D 45 -13.23 -21.97 12.97
CA ASP D 45 -13.53 -22.73 11.74
C ASP D 45 -12.78 -22.04 10.60
N VAL D 46 -12.03 -22.83 9.84
CA VAL D 46 -11.17 -22.34 8.74
C VAL D 46 -11.55 -23.10 7.47
N LEU D 47 -11.68 -22.40 6.35
CA LEU D 47 -11.94 -22.99 5.01
C LEU D 47 -10.79 -23.96 4.71
N GLY D 48 -11.08 -25.11 4.12
CA GLY D 48 -10.02 -26.04 3.66
C GLY D 48 -8.90 -25.33 2.92
N LYS D 49 -9.22 -24.40 2.02
CA LYS D 49 -8.23 -23.77 1.12
C LYS D 49 -7.28 -22.89 1.93
N ASP D 50 -7.64 -22.53 3.18
CA ASP D 50 -6.85 -21.64 4.07
C ASP D 50 -6.07 -22.47 5.09
N ILE D 51 -6.04 -23.79 4.91
CA ILE D 51 -5.28 -24.74 5.80
C ILE D 51 -4.20 -25.44 4.99
N LEU D 52 -2.94 -25.32 5.42
CA LEU D 52 -1.79 -26.01 4.78
C LEU D 52 -1.51 -27.26 5.59
N LEU D 53 -1.72 -28.42 4.99
CA LEU D 53 -1.42 -29.72 5.66
C LEU D 53 0.05 -30.01 5.43
N CYS D 54 0.93 -29.39 6.21
CA CYS D 54 2.38 -29.63 6.12
C CYS D 54 3.00 -29.46 7.49
N ASP D 55 3.71 -30.51 7.89
CA ASP D 55 4.35 -30.62 9.23
C ASP D 55 5.47 -31.65 9.12
N PRO D 56 6.73 -31.27 9.42
CA PRO D 56 7.11 -29.87 9.61
C PRO D 56 6.98 -29.04 8.34
N ILE D 57 7.01 -27.71 8.47
CA ILE D 57 7.16 -26.80 7.32
C ILE D 57 8.41 -27.22 6.56
N PRO D 58 8.33 -27.46 5.24
CA PRO D 58 9.45 -28.11 4.54
C PRO D 58 10.69 -27.23 4.30
N LEU D 59 11.84 -27.88 4.12
CA LEU D 59 13.12 -27.24 3.71
C LEU D 59 12.85 -26.30 2.54
N ASP D 60 13.50 -25.13 2.54
CA ASP D 60 13.48 -24.14 1.43
C ASP D 60 12.21 -23.31 1.44
N THR D 61 11.31 -23.51 2.41
CA THR D 61 10.12 -22.63 2.57
C THR D 61 10.57 -21.27 3.09
N GLU D 62 10.11 -20.19 2.46
CA GLU D 62 10.23 -18.84 3.01
C GLU D 62 9.20 -18.67 4.13
N VAL D 63 9.68 -18.41 5.36
CA VAL D 63 8.83 -18.22 6.57
C VAL D 63 9.14 -16.84 7.19
N THR D 64 8.38 -16.48 8.22
CA THR D 64 8.62 -15.32 9.11
C THR D 64 9.03 -15.88 10.48
N ALA D 65 10.26 -15.59 10.91
CA ALA D 65 10.78 -16.00 12.23
C ALA D 65 10.61 -14.83 13.19
N LEU D 66 10.06 -15.11 14.36
CA LEU D 66 9.72 -14.11 15.41
C LEU D 66 10.78 -14.14 16.49
N SER D 67 11.09 -12.97 17.06
CA SER D 67 12.15 -12.74 18.08
C SER D 67 11.80 -11.50 18.91
N GLU D 68 12.23 -11.46 20.17
CA GLU D 68 12.13 -10.26 21.05
C GLU D 68 12.82 -9.07 20.36
N ASP D 69 13.95 -9.33 19.69
CA ASP D 69 14.95 -8.34 19.22
C ASP D 69 14.54 -7.76 17.86
N GLU D 70 14.26 -8.62 16.88
CA GLU D 70 14.03 -8.21 15.47
C GLU D 70 12.53 -8.07 15.21
N TYR D 71 11.69 -8.50 16.18
CA TYR D 71 10.21 -8.66 16.09
C TYR D 71 9.85 -9.75 15.09
N PHE D 72 10.32 -9.59 13.86
CA PHE D 72 9.96 -10.48 12.72
C PHE D 72 10.88 -10.15 11.55
N SER D 73 11.34 -11.18 10.87
CA SER D 73 12.01 -11.05 9.56
C SER D 73 11.81 -12.36 8.78
N ALA D 74 11.93 -12.26 7.47
CA ALA D 74 11.84 -13.41 6.54
C ALA D 74 13.08 -14.28 6.72
N GLY D 75 12.90 -15.59 6.74
CA GLY D 75 13.99 -16.58 6.73
C GLY D 75 13.62 -17.80 5.92
N VAL D 76 14.56 -18.73 5.76
CA VAL D 76 14.36 -19.98 4.99
C VAL D 76 14.63 -21.19 5.90
N VAL D 77 13.71 -22.14 5.90
CA VAL D 77 13.84 -23.38 6.71
C VAL D 77 15.01 -24.17 6.13
N LYS D 78 15.95 -24.59 6.98
CA LYS D 78 17.12 -25.41 6.60
C LYS D 78 17.27 -26.63 7.52
N GLY D 79 16.37 -26.87 8.47
CA GLY D 79 16.46 -28.06 9.35
C GLY D 79 15.45 -28.04 10.48
N HIS D 80 15.29 -29.18 11.13
CA HIS D 80 14.25 -29.44 12.17
C HIS D 80 14.87 -30.28 13.29
N ARG D 81 14.35 -30.15 14.52
CA ARG D 81 14.87 -30.83 15.73
C ARG D 81 13.71 -31.12 16.68
N LYS D 82 13.68 -32.31 17.27
CA LYS D 82 12.82 -32.61 18.46
C LYS D 82 13.64 -32.30 19.72
N GLU D 83 13.03 -31.63 20.70
CA GLU D 83 13.58 -31.37 22.06
C GLU D 83 12.47 -31.54 23.10
N SER D 84 12.51 -32.63 23.86
CA SER D 84 11.54 -32.96 24.95
C SER D 84 10.10 -32.97 24.41
N GLY D 85 9.89 -33.57 23.24
CA GLY D 85 8.59 -33.65 22.55
C GLY D 85 8.09 -32.28 22.12
N GLU D 86 8.95 -31.48 21.49
CA GLU D 86 8.61 -30.14 20.95
C GLU D 86 9.56 -29.80 19.80
N LEU D 87 9.02 -29.25 18.70
CA LEU D 87 9.73 -29.04 17.42
C LEU D 87 10.38 -27.65 17.42
N TYR D 88 11.61 -27.59 16.93
CA TYR D 88 12.41 -26.36 16.70
C TYR D 88 12.84 -26.37 15.24
N TYR D 89 12.75 -25.22 14.57
CA TYR D 89 13.20 -24.96 13.18
C TYR D 89 14.57 -24.30 13.21
N SER D 90 15.44 -24.72 12.29
CA SER D 90 16.70 -24.00 11.96
C SER D 90 16.45 -23.07 10.77
N ILE D 91 16.42 -21.76 11.01
CA ILE D 91 16.02 -20.74 10.00
C ILE D 91 17.29 -19.97 9.58
N GLU D 92 17.42 -19.69 8.28
CA GLU D 92 18.59 -18.99 7.66
C GLU D 92 18.18 -17.58 7.19
N LYS D 93 18.90 -16.54 7.64
CA LYS D 93 18.67 -15.11 7.25
C LYS D 93 20.01 -14.41 7.04
N GLU D 94 20.22 -13.88 5.82
CA GLU D 94 21.45 -13.13 5.42
C GLU D 94 22.70 -14.04 5.46
N GLY D 95 22.52 -15.37 5.58
CA GLY D 95 23.62 -16.35 5.57
C GLY D 95 23.75 -17.10 6.89
N GLN D 96 23.19 -16.55 7.98
CA GLN D 96 23.33 -17.04 9.37
C GLN D 96 22.07 -17.84 9.76
N ARG D 97 22.19 -18.76 10.72
CA ARG D 97 21.08 -19.64 11.16
C ARG D 97 20.89 -19.56 12.67
N LYS D 98 19.64 -19.64 13.12
CA LYS D 98 19.27 -19.80 14.55
C LYS D 98 18.10 -20.79 14.67
N TRP D 99 17.96 -21.39 15.85
CA TRP D 99 16.84 -22.30 16.19
C TRP D 99 15.68 -21.44 16.69
N TYR D 100 14.47 -21.73 16.21
CA TYR D 100 13.21 -21.13 16.69
C TYR D 100 12.27 -22.24 17.13
N LYS D 101 11.58 -22.08 18.27
CA LYS D 101 10.48 -22.98 18.67
C LYS D 101 9.37 -22.87 17.61
N ARG D 102 8.48 -23.87 17.56
CA ARG D 102 7.41 -23.97 16.55
C ARG D 102 6.65 -22.64 16.47
N MET D 103 6.26 -22.10 17.61
CA MET D 103 5.33 -20.95 17.70
C MET D 103 6.03 -19.62 17.38
N ALA D 104 7.34 -19.63 17.11
CA ALA D 104 8.13 -18.48 16.66
C ALA D 104 8.41 -18.59 15.15
N VAL D 105 7.73 -19.51 14.45
CA VAL D 105 7.71 -19.55 12.97
C VAL D 105 6.27 -19.49 12.46
N ILE D 106 5.97 -18.45 11.69
CA ILE D 106 4.61 -18.26 11.11
C ILE D 106 4.82 -17.90 9.63
N LEU D 107 3.74 -17.86 8.84
CA LEU D 107 3.83 -17.48 7.40
C LEU D 107 3.01 -16.20 7.16
N SER D 108 3.61 -15.21 6.49
CA SER D 108 2.87 -14.02 6.02
C SER D 108 1.77 -14.48 5.07
N LEU D 109 0.73 -13.65 4.89
CA LEU D 109 -0.33 -13.95 3.89
C LEU D 109 0.36 -14.40 2.61
N GLU D 110 1.36 -13.63 2.14
CA GLU D 110 2.11 -13.91 0.89
C GLU D 110 2.76 -15.30 0.94
N GLN D 111 3.45 -15.64 2.04
CA GLN D 111 4.24 -16.89 2.20
C GLN D 111 3.33 -18.12 2.32
N GLY D 112 2.19 -17.97 2.96
CA GLY D 112 1.16 -19.03 3.06
C GLY D 112 0.46 -19.25 1.72
N ASN D 113 0.06 -18.17 1.04
CA ASN D 113 -0.63 -18.23 -0.28
C ASN D 113 0.27 -19.03 -1.22
N ARG D 114 1.59 -18.89 -1.12
CA ARG D 114 2.58 -19.58 -1.98
C ARG D 114 2.51 -21.10 -1.81
N LEU D 115 2.04 -21.65 -0.68
CA LEU D 115 2.09 -23.11 -0.41
C LEU D 115 0.71 -23.77 -0.65
N ARG D 116 -0.31 -22.99 -0.99
CA ARG D 116 -1.69 -23.51 -1.20
C ARG D 116 -1.73 -24.67 -2.21
N GLU D 117 -1.14 -24.49 -3.39
CA GLU D 117 -1.22 -25.52 -4.48
C GLU D 117 -0.67 -26.86 -3.96
N GLN D 118 0.39 -26.84 -3.16
CA GLN D 118 1.13 -28.06 -2.72
C GLN D 118 0.48 -28.69 -1.50
N TYR D 119 -0.13 -27.88 -0.61
CA TYR D 119 -0.46 -28.32 0.78
C TYR D 119 -1.89 -27.98 1.21
N GLY D 120 -2.64 -27.19 0.43
CA GLY D 120 -3.98 -26.71 0.82
C GLY D 120 -4.97 -27.85 0.95
N LEU D 121 -5.97 -27.71 1.83
CA LEU D 121 -7.00 -28.75 2.10
C LEU D 121 -8.32 -28.40 1.43
N GLY D 122 -8.30 -27.56 0.40
CA GLY D 122 -9.46 -27.38 -0.47
C GLY D 122 -9.97 -28.75 -0.92
N PRO D 123 -11.16 -28.79 -1.52
CA PRO D 123 -11.70 -30.04 -2.07
C PRO D 123 -10.67 -30.91 -2.80
N TYR D 124 -10.71 -32.22 -2.54
CA TYR D 124 -9.90 -33.27 -3.21
C TYR D 124 -10.84 -34.38 -3.73
C1 WWQ E . -2.81 10.64 -17.97
C2 WWQ E . -1.50 10.78 -18.74
C3 WWQ E . 0.49 9.44 -18.15
C4 WWQ E . 0.56 8.93 -19.57
C5 WWQ E . 0.24 7.60 -19.82
C6 WWQ E . 0.42 7.10 -21.11
C7 WWQ E . -0.88 5.01 -20.65
C9 WWQ E . -0.47 1.67 -22.33
C10 WWQ E . 0.24 3.87 -23.01
C11 WWQ E . 0.00 5.37 -22.85
C12 WWQ E . 0.91 7.99 -22.07
C13 WWQ E . 1.20 9.30 -21.71
C14 WWQ E . -0.26 11.23 -16.67
C16 WWQ E . -2.75 11.30 -16.57
O2 WWQ E . -3.84 0.32 -21.40
C24 WWQ E . -4.35 0.33 -20.24
N5 WWQ E . -4.59 -0.81 -19.55
C23 WWQ E . -4.68 1.63 -19.59
C22 WWQ E . -4.25 2.83 -20.15
C21 WWQ E . -4.55 4.05 -19.54
C25 WWQ E . -5.41 1.68 -18.40
C26 WWQ E . -5.74 2.90 -17.82
C20 WWQ E . -5.30 4.10 -18.37
C19 WWQ E . -5.66 5.40 -17.76
C18 WWQ E . -4.91 6.55 -18.01
C27 WWQ E . -6.77 5.52 -16.92
C28 WWQ E . -7.14 6.74 -16.39
C29 WWQ E . -6.40 7.87 -16.66
C17 WWQ E . -5.26 7.78 -17.46
N4 WWQ E . -4.47 8.96 -17.51
C WWQ E . -3.19 9.16 -17.85
O WWQ E . -2.39 8.27 -18.07
C15 WWQ E . -1.46 10.99 -15.82
N WWQ E . -0.35 10.42 -17.88
O1 WWQ E . 1.27 8.98 -17.34
N3 WWQ E . 1.02 9.79 -20.49
N1 WWQ E . 0.09 5.77 -21.44
N2 WWQ E . -0.71 3.11 -22.21
C8 WWQ E . -0.60 3.52 -20.80
C1 WWQ F . 4.57 -10.07 14.17
C2 WWQ F . 4.25 -9.85 12.69
C3 WWQ F . 2.22 -8.67 11.84
C4 WWQ F . 3.10 -7.65 11.17
C5 WWQ F . 3.17 -6.36 11.71
C6 WWQ F . 3.89 -5.38 11.02
C7 WWQ F . 4.17 -3.84 12.95
C9 WWQ F . 4.33 -0.07 12.92
C10 WWQ F . 4.51 -1.68 11.13
C11 WWQ F . 4.82 -3.13 10.76
C12 WWQ F . 4.48 -5.75 9.81
C13 WWQ F . 4.35 -7.05 9.36
C14 WWQ F . 2.03 -10.86 12.97
C16 WWQ F . 3.70 -11.16 14.81
O2 WWQ F . 5.92 0.54 16.26
C24 WWQ F . 5.39 0.14 17.29
N5 WWQ F . 4.76 0.94 18.14
C23 WWQ F . 5.37 -1.35 17.57
C22 WWQ F . 5.86 -2.21 16.60
C21 WWQ F . 5.79 -3.59 16.76
C25 WWQ F . 4.81 -1.90 18.72
C26 WWQ F . 4.72 -3.28 18.87
C20 WWQ F . 5.22 -4.15 17.89
C19 WWQ F . 5.20 -5.63 18.11
C18 WWQ F . 5.08 -6.51 17.03
C27 WWQ F . 5.39 -6.16 19.38
C28 WWQ F . 5.48 -7.52 19.57
C29 WWQ F . 5.40 -8.39 18.49
C17 WWQ F . 5.20 -7.88 17.21
N4 WWQ F . 5.06 -8.87 16.19
C WWQ F . 4.48 -8.78 14.97
O WWQ F . 3.92 -7.77 14.53
C15 WWQ F . 2.22 -10.97 14.47
N WWQ F . 2.81 -9.72 12.46
O1 WWQ F . 1.01 -8.52 11.78
N3 WWQ F . 3.69 -8.00 10.02
N1 WWQ F . 3.99 -4.06 11.52
N2 WWQ F . 4.67 -1.47 12.57
C8 WWQ F . 3.81 -2.40 13.30
C1 WWQ G . -3.61 8.21 -11.67
C2 WWQ G . -2.26 7.77 -11.12
C3 WWQ G . -0.16 8.77 -11.89
C4 WWQ G . 0.10 9.26 -10.48
C5 WWQ G . -0.09 10.61 -10.18
C6 WWQ G . 0.19 11.07 -8.90
C7 WWQ G . -0.72 13.36 -9.38
C9 WWQ G . 0.18 16.63 -7.66
C10 WWQ G . 0.57 14.33 -7.03
C11 WWQ G . 0.08 12.87 -7.15
C12 WWQ G . 0.63 10.13 -7.96
C13 WWQ G . 0.78 8.81 -8.35
C14 WWQ G . -1.47 7.30 -13.42
C16 WWQ G . -3.94 7.37 -12.89
O2 WWQ G . -2.82 18.44 -8.76
C24 WWQ G . -3.21 18.55 -9.93
N5 WWQ G . -3.14 19.67 -10.61
C23 WWQ G . -3.75 17.33 -10.63
C22 WWQ G . -3.63 16.09 -10.00
C21 WWQ G . -4.11 14.94 -10.59
C25 WWQ G . -4.34 17.37 -11.88
C26 WWQ G . -4.83 16.21 -12.48
C20 WWQ G . -4.74 14.97 -11.83
C19 WWQ G . -5.35 13.76 -12.42
C18 WWQ G . -4.84 12.50 -12.12
C27 WWQ G . -6.41 13.85 -13.32
C28 WWQ G . -6.91 12.71 -13.93
C29 WWQ G . -6.40 11.47 -13.63
C17 WWQ G . -5.36 11.35 -12.71
N4 WWQ G . -4.85 10.07 -12.53
C WWQ G . -3.66 9.67 -12.07
O WWQ G . -2.66 10.41 -11.95
C15 WWQ G . -2.87 7.56 -13.95
N WWQ G . -1.21 7.97 -12.12
O1 WWQ G . 0.57 9.18 -12.78
N3 WWQ G . 0.53 8.36 -9.59
N1 WWQ G . 0.09 12.46 -8.55
N2 WWQ G . -0.28 15.23 -7.80
C8 WWQ G . -0.24 14.82 -9.21
UNK UNX H . -8.87 11.19 -16.66
C1 WWQ I . -0.01 -9.53 19.29
C2 WWQ I . -1.48 -9.31 18.94
C3 WWQ I . -2.36 -9.68 16.67
C4 WWQ I . -3.42 -10.62 17.19
C5 WWQ I . -3.28 -11.97 16.90
C6 WWQ I . -4.24 -12.87 17.36
C7 WWQ I . -2.83 -14.84 17.12
C9 WWQ I . -3.81 -18.33 16.09
C10 WWQ I . -5.13 -16.45 16.82
C11 WWQ I . -5.15 -15.15 17.59
C12 WWQ I . -5.30 -12.35 18.11
C13 WWQ I . -5.36 -10.99 18.34
C14 WWQ I . -0.85 -7.77 17.14
C16 WWQ I . 0.89 -8.37 18.83
O2 WWQ I . -1.06 -20.07 17.36
C24 WWQ I . 0.12 -19.89 17.01
N5 WWQ I . 0.85 -20.78 16.31
C23 WWQ I . 0.78 -18.58 17.34
C22 WWQ I . 0.03 -17.58 17.98
C21 WWQ I . 0.61 -16.36 18.27
C25 WWQ I . 2.10 -18.31 16.99
C26 WWQ I . 2.66 -17.07 17.27
C20 WWQ I . 1.93 -16.07 17.93
C19 WWQ I . 2.56 -14.77 18.29
C18 WWQ I . 1.78 -13.65 18.58
C27 WWQ I . 3.95 -14.66 18.41
C28 WWQ I . 4.53 -13.48 18.85
C29 WWQ I . 3.74 -12.39 19.19
C17 WWQ I . 2.36 -12.47 19.04
N4 WWQ I . 1.67 -11.25 19.21
C WWQ I . 0.49 -10.84 18.71
O WWQ I . -0.14 -11.46 17.85
C15 WWQ I . 0.63 -8.01 17.38
N WWQ I . -1.63 -8.95 17.53
O1 WWQ I . -2.11 -9.70 15.47
N3 WWQ I . -4.45 -10.11 17.89
N1 WWQ I . -4.15 -14.23 17.05
N2 WWQ I . -3.80 -17.07 16.87
C8 WWQ I . -2.81 -16.15 16.35
#